data_8PMC
#
_entry.id   8PMC
#
_cell.length_a   39.595
_cell.length_b   123.148
_cell.length_c   62.198
_cell.angle_alpha   90.000
_cell.angle_beta   94.240
_cell.angle_gamma   90.000
#
_symmetry.space_group_name_H-M   'P 1 21 1'
#
loop_
_entity.id
_entity.type
_entity.pdbx_description
1 polymer DNA
2 polymer DNA
3 polymer 'BarH-like 2 homeobox protein'
4 water water
#
loop_
_entity_poly.entity_id
_entity_poly.type
_entity_poly.pdbx_seq_one_letter_code
_entity_poly.pdbx_strand_id
1 'polydeoxyribonucleotide' (DC)(DG)(DC)(DT)(DA)(DA)(DT)(DT)(DG)(DC)(DT)(DC) B,D,F,H
2 'polydeoxyribonucleotide' (DG)(DA)(DG)(DC)(DA)(DA)(DT)(DT)(DA)(DG)(DC)(DG) I,J,K,L
3 'polypeptide(L)' KPRKARTAFSDHQLNQLERSFERQKYLSVQDRMDLAAALNLTDTQVKTWYQNRRTKWKRQTA A,C,E,G
#
# COMPACT_ATOMS: atom_id res chain seq x y z
N LYS I 1 -20.26 -23.82 -8.74
CA LYS I 1 -19.78 -22.41 -9.13
C LYS I 1 -18.43 -22.09 -8.47
N PRO I 2 -17.27 -22.39 -9.11
CA PRO I 2 -15.95 -22.15 -8.52
C PRO I 2 -15.77 -20.77 -7.88
N ARG I 3 -15.41 -20.73 -6.60
CA ARG I 3 -14.96 -19.51 -5.90
C ARG I 3 -13.48 -19.69 -5.57
N LYS I 4 -12.77 -18.60 -5.39
CA LYS I 4 -11.42 -18.54 -4.82
C LYS I 4 -11.39 -19.14 -3.41
N ALA I 5 -10.29 -19.80 -3.07
CA ALA I 5 -10.00 -20.27 -1.68
C ALA I 5 -9.97 -19.05 -0.77
N ARG I 6 -10.51 -19.21 0.42
CA ARG I 6 -10.48 -18.18 1.45
C ARG I 6 -9.05 -18.01 1.93
N THR I 7 -8.47 -16.84 1.76
CA THR I 7 -7.12 -16.48 2.25
C THR I 7 -7.13 -16.50 3.79
N ALA I 8 -6.17 -17.20 4.37
CA ALA I 8 -5.87 -17.17 5.82
C ALA I 8 -4.70 -16.19 5.92
N PHE I 9 -4.96 -14.94 6.30
CA PHE I 9 -3.87 -13.96 6.49
C PHE I 9 -2.92 -14.41 7.62
N SER I 10 -1.62 -14.25 7.49
CA SER I 10 -0.72 -14.37 8.66
C SER I 10 -1.01 -13.31 9.72
N ASP I 11 -0.54 -13.49 10.94
CA ASP I 11 -0.60 -12.48 12.02
C ASP I 11 0.13 -11.23 11.53
N HIS I 12 1.25 -11.40 10.86
CA HIS I 12 2.09 -10.32 10.29
C HIS I 12 1.24 -9.53 9.30
N GLN I 13 0.55 -10.22 8.37
CA GLN I 13 -0.23 -9.52 7.32
C GLN I 13 -1.38 -8.73 8.00
N LEU I 14 -2.12 -9.38 8.90
CA LEU I 14 -3.21 -8.74 9.66
C LEU I 14 -2.70 -7.55 10.48
N ASN I 15 -1.56 -7.68 11.14
CA ASN I 15 -1.02 -6.53 11.92
C ASN I 15 -0.75 -5.34 10.98
N GLN I 16 -0.13 -5.58 9.83
CA GLN I 16 0.28 -4.52 8.88
C GLN I 16 -0.95 -3.96 8.17
N LEU I 17 -1.96 -4.77 7.91
CA LEU I 17 -3.19 -4.26 7.30
C LEU I 17 -3.86 -3.32 8.30
N GLU I 18 -3.94 -3.74 9.54
CA GLU I 18 -4.61 -2.94 10.58
C GLU I 18 -3.82 -1.63 10.79
N ARG I 19 -2.48 -1.68 10.76
CA ARG I 19 -1.68 -0.45 10.93
C ARG I 19 -2.04 0.51 9.78
N SER I 20 -2.11 -0.03 8.56
CA SER I 20 -2.46 0.78 7.39
C SER I 20 -3.83 1.43 7.61
N PHE I 21 -4.81 0.66 8.09
CA PHE I 21 -6.17 1.17 8.30
C PHE I 21 -6.20 2.25 9.38
N GLU I 22 -5.37 2.14 10.42
CA GLU I 22 -5.34 3.21 11.46
CA GLU I 22 -5.24 3.18 11.49
C GLU I 22 -4.70 4.48 10.87
N ARG I 23 -3.85 4.39 9.85
CA ARG I 23 -3.27 5.58 9.18
C ARG I 23 -4.24 6.14 8.12
N GLN I 24 -4.92 5.31 7.36
CA GLN I 24 -5.82 5.77 6.27
C GLN I 24 -6.97 4.80 6.04
N LYS I 25 -8.19 5.38 6.02
CA LYS I 25 -9.46 4.68 5.77
C LYS I 25 -9.53 4.15 4.33
N TYR I 26 -8.89 4.86 3.39
CA TYR I 26 -8.87 4.49 1.94
C TYR I 26 -7.43 4.50 1.45
N LEU I 27 -7.13 3.67 0.47
CA LEU I 27 -5.81 3.69 -0.20
C LEU I 27 -6.00 4.16 -1.64
N SER I 28 -5.09 4.96 -2.13
CA SER I 28 -4.89 5.23 -3.57
C SER I 28 -4.53 3.91 -4.25
N VAL I 29 -4.60 3.87 -5.56
CA VAL I 29 -4.17 2.68 -6.34
C VAL I 29 -2.69 2.43 -6.00
N GLN I 30 -1.87 3.48 -5.94
CA GLN I 30 -0.42 3.33 -5.66
C GLN I 30 -0.22 2.77 -4.25
N ASP I 31 -0.91 3.28 -3.25
CA ASP I 31 -0.75 2.80 -1.85
C ASP I 31 -1.20 1.33 -1.77
N ARG I 32 -2.26 0.95 -2.48
CA ARG I 32 -2.76 -0.44 -2.50
C ARG I 32 -1.67 -1.33 -3.08
N MET I 33 -1.08 -0.94 -4.20
CA MET I 33 -0.06 -1.78 -4.87
C MET I 33 1.20 -1.89 -3.99
N ASP I 34 1.62 -0.80 -3.35
CA ASP I 34 2.79 -0.81 -2.42
C ASP I 34 2.50 -1.76 -1.26
N LEU I 35 1.29 -1.75 -0.73
CA LEU I 35 0.94 -2.57 0.45
C LEU I 35 0.85 -4.05 0.06
N ALA I 36 0.24 -4.35 -1.09
CA ALA I 36 0.14 -5.73 -1.60
C ALA I 36 1.55 -6.29 -1.79
N ALA I 37 2.45 -5.53 -2.41
CA ALA I 37 3.83 -5.97 -2.68
C ALA I 37 4.53 -6.22 -1.34
N ALA I 38 4.42 -5.28 -0.40
CA ALA I 38 5.13 -5.38 0.89
C ALA I 38 4.61 -6.61 1.66
N LEU I 39 3.35 -6.99 1.51
CA LEU I 39 2.76 -8.09 2.33
C LEU I 39 2.67 -9.40 1.57
N ASN I 40 3.23 -9.45 0.35
CA ASN I 40 3.14 -10.60 -0.56
C ASN I 40 1.67 -11.03 -0.75
N LEU I 41 0.79 -10.08 -0.92
CA LEU I 41 -0.64 -10.29 -1.23
C LEU I 41 -0.91 -9.75 -2.62
N THR I 42 -2.07 -10.08 -3.17
CA THR I 42 -2.51 -9.51 -4.47
C THR I 42 -3.18 -8.16 -4.20
N ASP I 43 -3.18 -7.32 -5.22
CA ASP I 43 -3.96 -6.06 -5.23
C ASP I 43 -5.40 -6.32 -4.82
N THR I 44 -6.06 -7.36 -5.35
CA THR I 44 -7.48 -7.55 -4.99
C THR I 44 -7.59 -8.03 -3.54
N GLN I 45 -6.66 -8.80 -2.99
CA GLN I 45 -6.75 -9.21 -1.56
C GLN I 45 -6.74 -7.97 -0.70
N VAL I 46 -5.85 -7.02 -0.98
CA VAL I 46 -5.74 -5.78 -0.16
C VAL I 46 -6.99 -4.95 -0.36
N LYS I 47 -7.44 -4.80 -1.60
CA LYS I 47 -8.64 -3.97 -1.86
C LYS I 47 -9.78 -4.54 -1.04
N THR I 48 -10.01 -5.85 -1.15
CA THR I 48 -11.16 -6.50 -0.52
C THR I 48 -11.00 -6.39 1.00
N TRP I 49 -9.80 -6.59 1.54
CA TRP I 49 -9.59 -6.50 3.00
C TRP I 49 -9.99 -5.08 3.46
N TYR I 50 -9.56 -4.06 2.75
CA TYR I 50 -9.90 -2.66 3.08
C TYR I 50 -11.41 -2.42 2.98
N GLN I 51 -12.07 -2.99 1.97
CA GLN I 51 -13.54 -2.83 1.87
C GLN I 51 -14.21 -3.47 3.08
N ASN I 52 -13.86 -4.71 3.39
CA ASN I 52 -14.49 -5.46 4.49
C ASN I 52 -14.10 -4.75 5.81
N ARG I 53 -12.90 -4.17 5.88
CA ARG I 53 -12.49 -3.46 7.12
C ARG I 53 -13.40 -2.23 7.30
N ARG I 54 -13.71 -1.50 6.20
CA ARG I 54 -14.56 -0.29 6.32
C ARG I 54 -15.97 -0.71 6.74
N THR I 55 -16.48 -1.84 6.21
CA THR I 55 -17.81 -2.35 6.63
C THR I 55 -17.85 -2.56 8.15
N LYS I 56 -16.81 -3.19 8.70
CA LYS I 56 -16.72 -3.49 10.16
C LYS I 56 -16.60 -2.18 10.94
N TRP I 57 -15.77 -1.27 10.45
CA TRP I 57 -15.61 0.09 11.05
C TRP I 57 -16.98 0.77 11.17
N LYS I 58 -17.73 0.77 10.09
CA LYS I 58 -19.05 1.41 10.01
C LYS I 58 -19.99 0.80 11.04
N ARG I 59 -20.00 -0.53 11.16
CA ARG I 59 -20.93 -1.24 12.09
C ARG I 59 -20.63 -0.90 13.54
N GLN I 60 -19.34 -0.90 13.89
CA GLN I 60 -18.83 -0.76 15.27
C GLN I 60 -18.88 0.69 15.73
N THR I 61 -18.83 1.66 14.81
CA THR I 61 -18.76 3.13 15.13
C THR I 61 -20.12 3.79 14.86
N ALA I 62 -20.74 3.47 13.72
CA ALA I 62 -22.11 3.92 13.35
C ALA I 62 -23.13 3.04 14.10
N LYS J 1 5.19 8.35 -12.95
CA LYS J 1 3.68 8.41 -13.02
C LYS J 1 3.06 7.20 -12.34
N PRO J 2 2.11 7.38 -11.39
CA PRO J 2 1.30 6.24 -10.89
C PRO J 2 0.81 5.32 -12.02
N ARG J 3 1.03 4.00 -11.91
CA ARG J 3 0.52 2.99 -12.85
C ARG J 3 -0.96 2.68 -12.54
N LYS J 4 -1.73 2.42 -13.57
CA LYS J 4 -3.07 1.79 -13.44
C LYS J 4 -2.91 0.34 -12.94
N ALA J 5 -3.87 -0.14 -12.16
CA ALA J 5 -4.01 -1.55 -11.74
C ALA J 5 -4.01 -2.44 -12.97
N ARG J 6 -3.36 -3.58 -12.85
CA ARG J 6 -3.39 -4.64 -13.89
C ARG J 6 -4.80 -5.21 -13.98
N THR J 7 -5.48 -5.05 -15.11
CA THR J 7 -6.82 -5.64 -15.34
C THR J 7 -6.69 -7.18 -15.35
N ALA J 8 -7.53 -7.86 -14.60
CA ALA J 8 -7.71 -9.33 -14.63
C ALA J 8 -8.89 -9.59 -15.56
N PHE J 9 -8.66 -9.98 -16.80
CA PHE J 9 -9.79 -10.22 -17.76
C PHE J 9 -10.60 -11.44 -17.33
N SER J 10 -11.92 -11.40 -17.46
CA SER J 10 -12.75 -12.62 -17.23
C SER J 10 -12.43 -13.71 -18.27
N ASP J 11 -12.87 -14.95 -18.02
CA ASP J 11 -12.81 -16.03 -19.04
C ASP J 11 -13.54 -15.58 -20.32
N HIS J 12 -14.73 -14.99 -20.14
CA HIS J 12 -15.54 -14.48 -21.27
C HIS J 12 -14.76 -13.44 -22.05
N GLN J 13 -14.17 -12.46 -21.40
CA GLN J 13 -13.42 -11.39 -22.10
C GLN J 13 -12.22 -11.98 -22.86
N LEU J 14 -11.44 -12.85 -22.20
CA LEU J 14 -10.29 -13.53 -22.85
C LEU J 14 -10.77 -14.38 -24.07
N ASN J 15 -11.84 -15.14 -23.91
CA ASN J 15 -12.33 -16.01 -25.01
C ASN J 15 -12.72 -15.12 -26.20
N GLN J 16 -13.47 -14.04 -25.94
CA GLN J 16 -13.97 -13.13 -27.03
C GLN J 16 -12.80 -12.37 -27.62
N LEU J 17 -11.83 -11.93 -26.82
CA LEU J 17 -10.69 -11.18 -27.41
C LEU J 17 -9.93 -12.12 -28.33
N GLU J 18 -9.68 -13.34 -27.88
CA GLU J 18 -8.87 -14.30 -28.67
C GLU J 18 -9.63 -14.65 -29.95
N ARG J 19 -10.95 -14.83 -29.87
CA ARG J 19 -11.76 -15.12 -31.07
CA ARG J 19 -11.75 -15.13 -31.07
C ARG J 19 -11.64 -13.95 -32.03
N SER J 20 -11.72 -12.75 -31.51
CA SER J 20 -11.61 -11.53 -32.33
C SER J 20 -10.25 -11.53 -33.01
N PHE J 21 -9.18 -11.83 -32.29
CA PHE J 21 -7.81 -11.84 -32.86
C PHE J 21 -7.69 -12.89 -33.98
N GLU J 22 -8.31 -14.06 -33.81
CA GLU J 22 -8.27 -15.15 -34.80
C GLU J 22 -8.98 -14.69 -36.08
N ARG J 23 -10.02 -13.88 -35.97
CA ARG J 23 -10.77 -13.37 -37.14
C ARG J 23 -10.10 -12.15 -37.78
N GLN J 24 -9.59 -11.22 -36.98
CA GLN J 24 -9.02 -9.94 -37.49
C GLN J 24 -7.79 -9.56 -36.64
N LYS J 25 -6.62 -9.49 -37.24
CA LYS J 25 -5.35 -9.18 -36.54
C LYS J 25 -5.33 -7.69 -36.15
N TYR J 26 -6.03 -6.87 -36.93
CA TYR J 26 -6.11 -5.40 -36.77
C TYR J 26 -7.57 -4.95 -36.78
N LEU J 27 -7.93 -4.05 -35.87
CA LEU J 27 -9.32 -3.55 -35.77
C LEU J 27 -9.35 -2.08 -36.23
N SER J 28 -10.43 -1.69 -36.88
CA SER J 28 -10.73 -0.24 -37.10
C SER J 28 -11.02 0.37 -35.74
N VAL J 29 -11.02 1.69 -35.64
CA VAL J 29 -11.41 2.38 -34.39
C VAL J 29 -12.83 1.95 -34.05
N GLN J 30 -13.74 1.87 -35.04
CA GLN J 30 -15.16 1.52 -34.76
C GLN J 30 -15.23 0.08 -34.23
N ASP J 31 -14.54 -0.86 -34.85
CA ASP J 31 -14.56 -2.29 -34.40
C ASP J 31 -13.97 -2.42 -32.99
N ARG J 32 -12.91 -1.65 -32.70
CA ARG J 32 -12.29 -1.67 -31.35
C ARG J 32 -13.32 -1.17 -30.32
N MET J 33 -14.01 -0.08 -30.62
CA MET J 33 -14.96 0.54 -29.66
C MET J 33 -16.16 -0.41 -29.52
N ASP J 34 -16.63 -1.07 -30.57
CA ASP J 34 -17.77 -2.04 -30.49
C ASP J 34 -17.34 -3.21 -29.63
N LEU J 35 -16.11 -3.66 -29.77
CA LEU J 35 -15.63 -4.84 -28.97
C LEU J 35 -15.48 -4.45 -27.48
N ALA J 36 -14.90 -3.27 -27.21
CA ALA J 36 -14.79 -2.76 -25.82
C ALA J 36 -16.19 -2.67 -25.21
N ALA J 37 -17.16 -2.07 -25.89
CA ALA J 37 -18.52 -1.90 -25.37
C ALA J 37 -19.12 -3.29 -25.09
N ALA J 38 -19.04 -4.23 -26.06
CA ALA J 38 -19.63 -5.58 -25.90
C ALA J 38 -18.98 -6.30 -24.71
N LEU J 39 -17.72 -6.05 -24.39
CA LEU J 39 -17.03 -6.79 -23.28
C LEU J 39 -16.97 -5.99 -21.99
N ASN J 40 -17.60 -4.81 -21.93
CA ASN J 40 -17.52 -3.86 -20.79
C ASN J 40 -16.06 -3.57 -20.43
N LEU J 41 -15.24 -3.35 -21.45
CA LEU J 41 -13.84 -2.90 -21.28
C LEU J 41 -13.71 -1.50 -21.83
N THR J 42 -12.61 -0.85 -21.55
CA THR J 42 -12.34 0.51 -22.11
C THR J 42 -11.72 0.31 -23.50
N ASP J 43 -11.89 1.30 -24.36
CA ASP J 43 -11.24 1.33 -25.68
C ASP J 43 -9.73 1.06 -25.50
N THR J 44 -9.05 1.68 -24.50
CA THR J 44 -7.58 1.50 -24.43
C THR J 44 -7.28 0.09 -23.93
N GLN J 45 -8.09 -0.52 -23.06
CA GLN J 45 -7.84 -1.94 -22.67
C GLN J 45 -7.81 -2.83 -23.91
N VAL J 46 -8.76 -2.65 -24.82
CA VAL J 46 -8.83 -3.52 -26.04
C VAL J 46 -7.68 -3.14 -26.97
N LYS J 47 -7.41 -1.85 -27.17
CA LYS J 47 -6.28 -1.45 -28.03
C LYS J 47 -5.00 -2.13 -27.53
N THR J 48 -4.74 -2.01 -26.25
CA THR J 48 -3.50 -2.53 -25.63
C THR J 48 -3.48 -4.06 -25.74
N TRP J 49 -4.62 -4.70 -25.51
CA TRP J 49 -4.67 -6.20 -25.58
C TRP J 49 -4.29 -6.61 -27.01
N TYR J 50 -4.83 -5.95 -28.00
CA TYR J 50 -4.56 -6.23 -29.41
C TYR J 50 -3.09 -5.99 -29.70
N GLN J 51 -2.50 -4.92 -29.16
CA GLN J 51 -1.10 -4.63 -29.47
C GLN J 51 -0.22 -5.77 -28.86
N ASN J 52 -0.45 -6.09 -27.60
CA ASN J 52 0.37 -7.11 -26.90
C ASN J 52 0.12 -8.47 -27.58
N ARG J 53 -1.08 -8.70 -28.05
CA ARG J 53 -1.39 -9.97 -28.74
C ARG J 53 -0.62 -10.04 -30.05
N ARG J 54 -0.51 -8.94 -30.80
CA ARG J 54 0.28 -8.93 -32.06
C ARG J 54 1.76 -9.10 -31.78
N THR J 55 2.28 -8.57 -30.67
CA THR J 55 3.70 -8.80 -30.26
C THR J 55 3.94 -10.30 -30.12
N LYS J 56 3.04 -11.01 -29.47
CA LYS J 56 3.20 -12.46 -29.22
C LYS J 56 3.08 -13.19 -30.57
N TRP J 57 2.07 -12.81 -31.35
CA TRP J 57 1.83 -13.38 -32.70
C TRP J 57 3.09 -13.29 -33.56
N LYS J 58 3.77 -12.14 -33.52
CA LYS J 58 4.95 -11.83 -34.38
C LYS J 58 6.24 -12.42 -33.79
N ARG J 59 6.20 -12.99 -32.59
CA ARG J 59 7.43 -13.58 -32.02
C ARG J 59 7.36 -15.10 -32.20
N PRO K 2 -9.44 38.67 11.81
CA PRO K 2 -7.96 38.66 11.93
C PRO K 2 -7.44 37.29 12.40
N ARG K 3 -6.59 36.61 11.62
CA ARG K 3 -6.29 35.18 11.87
C ARG K 3 -5.16 35.03 12.90
N LYS K 4 -5.22 33.97 13.70
CA LYS K 4 -4.05 33.46 14.43
C LYS K 4 -3.00 32.98 13.43
N ALA K 5 -1.72 33.19 13.80
CA ALA K 5 -0.52 32.78 13.06
C ALA K 5 -0.59 31.26 12.99
N ARG K 6 -0.19 30.73 11.85
CA ARG K 6 -0.24 29.29 11.59
C ARG K 6 0.85 28.66 12.46
N THR K 7 0.50 27.74 13.36
CA THR K 7 1.50 27.03 14.21
C THR K 7 2.38 26.14 13.32
N ALA K 8 3.69 26.22 13.47
CA ALA K 8 4.68 25.34 12.84
C ALA K 8 4.95 24.21 13.85
N PHE K 9 4.36 23.04 13.69
CA PHE K 9 4.59 21.94 14.66
C PHE K 9 6.03 21.42 14.54
N SER K 10 6.71 21.13 15.64
CA SER K 10 8.00 20.38 15.53
C SER K 10 7.76 18.95 15.00
N ASP K 11 8.85 18.30 14.57
CA ASP K 11 8.86 16.85 14.20
C ASP K 11 8.37 16.06 15.41
N HIS K 12 8.85 16.40 16.61
CA HIS K 12 8.48 15.70 17.85
C HIS K 12 6.97 15.83 18.04
N GLN K 13 6.42 17.04 17.93
CA GLN K 13 4.95 17.26 18.15
C GLN K 13 4.15 16.46 17.13
N LEU K 14 4.53 16.49 15.87
CA LEU K 14 3.83 15.76 14.77
C LEU K 14 3.94 14.25 15.01
N ASN K 15 5.12 13.77 15.40
CA ASN K 15 5.29 12.31 15.66
C ASN K 15 4.35 11.90 16.80
N GLN K 16 4.31 12.65 17.90
CA GLN K 16 3.49 12.28 19.09
C GLN K 16 2.01 12.47 18.77
N LEU K 17 1.63 13.49 18.01
CA LEU K 17 0.20 13.62 17.62
C LEU K 17 -0.20 12.41 16.77
N GLU K 18 0.61 12.04 15.81
CA GLU K 18 0.30 10.93 14.88
C GLU K 18 0.26 9.62 15.68
N ARG K 19 1.14 9.43 16.66
CA ARG K 19 1.11 8.19 17.48
C ARG K 19 -0.19 8.17 18.25
N SER K 20 -0.59 9.33 18.79
CA SER K 20 -1.86 9.40 19.53
C SER K 20 -3.00 9.03 18.58
N PHE K 21 -3.00 9.58 17.39
CA PHE K 21 -4.07 9.38 16.37
C PHE K 21 -4.15 7.91 15.96
N GLU K 22 -3.01 7.22 15.84
CA GLU K 22 -2.93 5.80 15.41
C GLU K 22 -3.62 4.95 16.48
N ARG K 23 -3.44 5.30 17.76
CA ARG K 23 -4.06 4.56 18.87
C ARG K 23 -5.52 4.94 19.08
N GLN K 24 -5.87 6.24 19.00
CA GLN K 24 -7.24 6.69 19.34
C GLN K 24 -7.64 7.82 18.38
N LYS K 25 -8.68 7.57 17.59
CA LYS K 25 -9.20 8.53 16.58
C LYS K 25 -9.83 9.73 17.28
N TYR K 26 -10.36 9.53 18.49
CA TYR K 26 -11.05 10.55 19.30
C TYR K 26 -10.49 10.55 20.71
N LEU K 27 -10.24 11.72 21.25
CA LEU K 27 -9.71 11.91 22.61
C LEU K 27 -10.80 12.55 23.45
N SER K 28 -10.90 12.12 24.70
CA SER K 28 -11.70 12.80 25.75
C SER K 28 -11.12 14.20 25.90
N VAL K 29 -11.88 15.07 26.55
CA VAL K 29 -11.39 16.44 26.83
C VAL K 29 -10.12 16.30 27.67
N GLN K 30 -10.13 15.43 28.69
CA GLN K 30 -8.99 15.29 29.62
C GLN K 30 -7.76 14.79 28.86
N ASP K 31 -7.90 13.79 28.00
CA ASP K 31 -6.76 13.23 27.23
C ASP K 31 -6.20 14.30 26.30
N ARG K 32 -7.07 15.10 25.68
CA ARG K 32 -6.61 16.17 24.76
C ARG K 32 -5.80 17.19 25.57
N MET K 33 -6.29 17.60 26.73
CA MET K 33 -5.60 18.62 27.56
C MET K 33 -4.25 18.06 28.06
N ASP K 34 -4.18 16.79 28.45
CA ASP K 34 -2.92 16.15 28.91
C ASP K 34 -1.94 16.12 27.76
N LEU K 35 -2.40 15.85 26.53
CA LEU K 35 -1.50 15.77 25.36
C LEU K 35 -1.00 17.18 25.01
N ALA K 36 -1.90 18.18 24.97
CA ALA K 36 -1.51 19.59 24.72
C ALA K 36 -0.43 20.01 25.75
N ALA K 37 -0.64 19.74 27.04
CA ALA K 37 0.32 20.11 28.09
C ALA K 37 1.65 19.38 27.83
N ALA K 38 1.63 18.08 27.56
CA ALA K 38 2.86 17.30 27.34
C ALA K 38 3.63 17.82 26.12
N LEU K 39 2.96 18.39 25.10
CA LEU K 39 3.65 18.84 23.86
C LEU K 39 3.90 20.35 23.87
N ASN K 40 3.49 21.05 24.92
CA ASN K 40 3.55 22.52 25.04
C ASN K 40 2.78 23.15 23.87
N LEU K 41 1.61 22.61 23.57
CA LEU K 41 0.63 23.20 22.62
C LEU K 41 -0.60 23.65 23.36
N THR K 42 -1.46 24.46 22.74
CA THR K 42 -2.75 24.83 23.35
C THR K 42 -3.75 23.69 23.14
N ASP K 43 -4.73 23.61 24.02
CA ASP K 43 -5.88 22.70 23.86
CA ASP K 43 -5.89 22.70 23.88
C ASP K 43 -6.47 22.88 22.47
N THR K 44 -6.69 24.14 22.01
CA THR K 44 -7.31 24.34 20.69
C THR K 44 -6.39 23.78 19.59
N GLN K 45 -5.08 24.01 19.66
CA GLN K 45 -4.17 23.49 18.60
C GLN K 45 -4.33 21.97 18.49
N VAL K 46 -4.40 21.24 19.61
CA VAL K 46 -4.51 19.76 19.57
C VAL K 46 -5.90 19.37 19.06
N LYS K 47 -6.96 20.08 19.53
CA LYS K 47 -8.32 19.77 19.05
C LYS K 47 -8.34 19.88 17.53
N THR K 48 -7.84 20.99 17.03
CA THR K 48 -7.89 21.32 15.59
C THR K 48 -7.04 20.32 14.83
N TRP K 49 -5.87 20.01 15.34
CA TRP K 49 -4.99 19.01 14.66
C TRP K 49 -5.76 17.68 14.49
N TYR K 50 -6.42 17.24 15.55
CA TYR K 50 -7.17 15.96 15.58
C TYR K 50 -8.30 16.04 14.57
N GLN K 51 -8.99 17.19 14.50
CA GLN K 51 -10.12 17.32 13.58
C GLN K 51 -9.61 17.22 12.14
N ASN K 52 -8.58 18.00 11.80
CA ASN K 52 -8.03 18.03 10.44
C ASN K 52 -7.47 16.60 10.15
N ARG K 53 -6.89 15.97 11.14
CA ARG K 53 -6.32 14.63 10.92
C ARG K 53 -7.44 13.63 10.63
N ARG K 54 -8.60 13.71 11.29
CA ARG K 54 -9.76 12.81 11.02
C ARG K 54 -10.26 13.06 9.60
N THR K 55 -10.28 14.33 9.15
CA THR K 55 -10.73 14.66 7.78
C THR K 55 -9.82 13.96 6.76
N LYS K 56 -8.52 14.07 6.98
CA LYS K 56 -7.51 13.46 6.08
C LYS K 56 -7.65 11.91 6.12
N TRP K 57 -7.86 11.39 7.29
CA TRP K 57 -7.98 9.92 7.52
C TRP K 57 -9.09 9.36 6.66
N LYS K 58 -10.23 10.08 6.58
CA LYS K 58 -11.45 9.59 5.93
C LYS K 58 -11.47 9.97 4.44
N ARG K 59 -10.39 10.53 3.90
CA ARG K 59 -10.44 11.17 2.57
C ARG K 59 -10.38 10.08 1.50
N GLN K 60 -11.18 10.34 0.48
CA GLN K 60 -11.24 9.81 -0.90
C GLN K 60 -12.22 8.68 -0.79
N THR K 61 -13.45 8.94 -1.23
CA THR K 61 -14.58 7.99 -1.46
C THR K 61 -15.02 7.45 -0.12
N PRO L 2 8.16 14.58 6.27
CA PRO L 2 7.48 13.28 6.42
C PRO L 2 8.50 12.15 6.67
N ARG L 3 8.41 11.47 7.80
CA ARG L 3 9.30 10.31 8.08
C ARG L 3 8.59 9.02 7.64
N LYS L 4 9.32 8.11 7.01
CA LYS L 4 8.75 6.80 6.61
CA LYS L 4 8.89 6.73 6.59
C LYS L 4 8.39 5.99 7.85
N ALA L 5 7.33 5.19 7.74
CA ALA L 5 6.82 4.33 8.83
C ALA L 5 7.92 3.29 9.08
N ARG L 6 8.04 2.87 10.31
CA ARG L 6 8.95 1.80 10.72
C ARG L 6 8.47 0.46 10.10
N THR L 7 9.31 -0.14 9.26
CA THR L 7 9.06 -1.48 8.64
C THR L 7 8.99 -2.55 9.74
N ALA L 8 7.98 -3.39 9.69
CA ALA L 8 7.89 -4.66 10.44
C ALA L 8 8.26 -5.78 9.46
N PHE L 9 9.46 -6.34 9.58
CA PHE L 9 9.90 -7.41 8.66
C PHE L 9 9.12 -8.68 8.92
N SER L 10 8.71 -9.44 7.89
CA SER L 10 8.24 -10.85 8.11
C SER L 10 9.35 -11.74 8.68
N ASP L 11 8.98 -12.92 9.18
CA ASP L 11 9.94 -14.00 9.56
C ASP L 11 10.78 -14.35 8.34
N HIS L 12 10.15 -14.49 7.18
CA HIS L 12 10.83 -14.86 5.91
C HIS L 12 11.90 -13.81 5.62
N GLN L 13 11.55 -12.53 5.69
CA GLN L 13 12.51 -11.45 5.36
C GLN L 13 13.67 -11.48 6.36
N LEU L 14 13.38 -11.49 7.65
CA LEU L 14 14.40 -11.50 8.72
C LEU L 14 15.28 -12.77 8.59
N ASN L 15 14.71 -13.94 8.33
CA ASN L 15 15.53 -15.16 8.23
C ASN L 15 16.51 -15.02 7.07
N GLN L 16 16.04 -14.54 5.92
CA GLN L 16 16.90 -14.44 4.71
C GLN L 16 17.88 -13.28 4.87
N LEU L 17 17.51 -12.21 5.53
CA LEU L 17 18.48 -11.10 5.76
C LEU L 17 19.61 -11.65 6.64
N GLU L 18 19.27 -12.36 7.70
CA GLU L 18 20.28 -12.88 8.68
C GLU L 18 21.18 -13.86 7.94
N ARG L 19 20.60 -14.74 7.09
CA ARG L 19 21.41 -15.72 6.33
C ARG L 19 22.39 -14.95 5.43
N SER L 20 21.90 -13.89 4.79
CA SER L 20 22.75 -13.08 3.90
C SER L 20 23.89 -12.47 4.72
N PHE L 21 23.57 -11.92 5.88
CA PHE L 21 24.56 -11.23 6.74
C PHE L 21 25.62 -12.25 7.23
N GLU L 22 25.22 -13.47 7.53
CA GLU L 22 26.16 -14.57 7.95
C GLU L 22 27.12 -14.87 6.82
N ARG L 23 26.67 -14.82 5.56
CA ARG L 23 27.54 -15.12 4.39
C ARG L 23 28.42 -13.93 4.03
N GLN L 24 27.88 -12.71 4.04
CA GLN L 24 28.58 -11.49 3.57
C GLN L 24 28.19 -10.29 4.43
N LYS L 25 29.15 -9.63 5.05
CA LYS L 25 28.90 -8.46 5.95
C LYS L 25 28.57 -7.23 5.09
N TYR L 26 29.07 -7.21 3.86
CA TYR L 26 28.89 -6.11 2.88
C TYR L 26 28.42 -6.71 1.56
N LEU L 27 27.46 -6.04 0.93
CA LEU L 27 26.87 -6.48 -0.34
C LEU L 27 27.28 -5.50 -1.42
N SER L 28 27.57 -5.99 -2.63
CA SER L 28 27.68 -5.14 -3.84
C SER L 28 26.31 -4.53 -4.07
N VAL L 29 26.25 -3.49 -4.90
CA VAL L 29 24.95 -2.86 -5.26
C VAL L 29 24.10 -3.95 -5.90
N GLN L 30 24.68 -4.77 -6.77
CA GLN L 30 23.91 -5.82 -7.52
C GLN L 30 23.34 -6.83 -6.52
N ASP L 31 24.15 -7.32 -5.58
CA ASP L 31 23.68 -8.31 -4.57
C ASP L 31 22.56 -7.70 -3.71
N ARG L 32 22.71 -6.42 -3.34
CA ARG L 32 21.69 -5.72 -2.52
C ARG L 32 20.37 -5.68 -3.30
N MET L 33 20.42 -5.31 -4.58
CA MET L 33 19.20 -5.15 -5.40
C MET L 33 18.55 -6.52 -5.62
N ASP L 34 19.34 -7.57 -5.84
CA ASP L 34 18.81 -8.95 -6.03
C ASP L 34 18.13 -9.40 -4.74
N LEU L 35 18.71 -9.06 -3.59
CA LEU L 35 18.15 -9.50 -2.29
C LEU L 35 16.86 -8.72 -2.01
N ALA L 36 16.85 -7.42 -2.23
CA ALA L 36 15.63 -6.59 -2.06
C ALA L 36 14.50 -7.16 -2.93
N ALA L 37 14.77 -7.45 -4.21
CA ALA L 37 13.75 -8.04 -5.13
C ALA L 37 13.26 -9.38 -4.57
N ALA L 38 14.17 -10.26 -4.19
CA ALA L 38 13.81 -11.61 -3.67
C ALA L 38 12.95 -11.48 -2.41
N LEU L 39 13.15 -10.45 -1.58
CA LEU L 39 12.44 -10.37 -0.27
C LEU L 39 11.25 -9.40 -0.34
N ASN L 40 10.95 -8.84 -1.49
CA ASN L 40 9.90 -7.80 -1.66
C ASN L 40 10.15 -6.65 -0.69
N LEU L 41 11.40 -6.22 -0.62
CA LEU L 41 11.81 -5.00 0.09
C LEU L 41 12.31 -4.01 -0.95
N THR L 42 12.45 -2.77 -0.57
CA THR L 42 13.13 -1.75 -1.41
C THR L 42 14.65 -1.90 -1.23
N ASP L 43 15.39 -1.44 -2.23
CA ASP L 43 16.86 -1.32 -2.15
C ASP L 43 17.25 -0.60 -0.85
N THR L 44 16.57 0.49 -0.50
CA THR L 44 17.00 1.28 0.69
C THR L 44 16.64 0.48 1.94
N GLN L 45 15.55 -0.29 2.00
CA GLN L 45 15.24 -1.07 3.20
C GLN L 45 16.39 -2.06 3.45
N VAL L 46 16.91 -2.70 2.42
CA VAL L 46 18.02 -3.67 2.57
C VAL L 46 19.30 -2.93 2.91
N LYS L 47 19.57 -1.80 2.29
CA LYS L 47 20.79 -1.03 2.61
C LYS L 47 20.77 -0.70 4.11
N THR L 48 19.64 -0.17 4.56
CA THR L 48 19.45 0.27 5.95
C THR L 48 19.56 -0.95 6.87
N TRP L 49 18.94 -2.08 6.51
CA TRP L 49 18.93 -3.24 7.42
C TRP L 49 20.39 -3.70 7.58
N TYR L 50 21.14 -3.77 6.48
CA TYR L 50 22.56 -4.17 6.51
C TYR L 50 23.35 -3.18 7.37
N GLN L 51 23.09 -1.88 7.25
CA GLN L 51 23.84 -0.87 8.04
C GLN L 51 23.54 -1.10 9.53
N ASN L 52 22.25 -1.20 9.91
CA ASN L 52 21.86 -1.34 11.32
C ASN L 52 22.37 -2.69 11.81
N ARG L 53 22.40 -3.69 10.94
CA ARG L 53 22.89 -5.02 11.37
C ARG L 53 24.40 -4.93 11.63
N ARG L 54 25.17 -4.20 10.81
CA ARG L 54 26.63 -4.01 11.05
C ARG L 54 26.84 -3.26 12.38
N THR L 55 25.99 -2.29 12.71
CA THR L 55 26.08 -1.56 14.01
C THR L 55 25.98 -2.57 15.16
N LYS L 56 25.00 -3.45 15.10
CA LYS L 56 24.76 -4.47 16.16
C LYS L 56 25.95 -5.45 16.18
N TRP L 57 26.41 -5.86 15.01
CA TRP L 57 27.59 -6.74 14.87
C TRP L 57 28.79 -6.13 15.59
N LYS L 58 29.07 -4.85 15.35
CA LYS L 58 30.22 -4.16 15.97
C LYS L 58 30.06 -4.16 17.50
N ARG L 59 28.86 -3.87 18.00
CA ARG L 59 28.60 -3.79 19.47
C ARG L 59 28.80 -5.14 20.15
N GLN L 60 28.36 -6.26 19.55
CA GLN L 60 28.43 -7.62 20.15
C GLN L 60 29.86 -8.18 20.06
N THR L 61 30.85 -7.35 19.68
CA THR L 61 32.32 -7.66 19.74
C THR L 61 33.07 -6.57 20.51
#